data_3C7G
#
_entry.id   3C7G
#
_cell.length_a   67.523
_cell.length_b   72.401
_cell.length_c   106.869
_cell.angle_alpha   90.00
_cell.angle_beta   90.00
_cell.angle_gamma   90.00
#
_symmetry.space_group_name_H-M   'P 21 21 21'
#
loop_
_entity.id
_entity.type
_entity.pdbx_description
1 polymer Endo-1,4-beta-xylanase
2 branched beta-D-xylopyranose-(1-4)-beta-D-xylopyranose-(1-4)-beta-D-xylopyranose-(1-4)-beta-D-xylopyranose
3 non-polymer 'CALCIUM ION'
4 non-polymer 'SODIUM ION'
5 non-polymer GLYCEROL
6 water water
#
_entity_poly.entity_id   1
_entity_poly.type   'polypeptide(L)'
_entity_poly.pdbx_seq_one_letter_code
;SATSTTIAKHIGNSNPLIDHHLGADPVALTYNGRVYIYMSSDDYEYNSNGTIKDNSFANLNRVFVISSADMVNWTDHGAI
PVAGANGANGGRGIAKWAGASWAPSIAVKKINGKDKFFLYFANSGGGIGVLTADSPIGPWTDPIGKPLVTPSTPGMSGVV
WLFDPAVFVDDDGTGYLYAGGGVPGVSNPTQGQWANPKTARVIKLGPDMTSVVGSASTIDAPFMFEDSGLHKYNGTYYYS
YCINFGGTHPADKPPGEIGYMTSSSPMGPFTYRGHFLKNPGAFFGGGGNNHHAVFNFKNEWYVVYHAQTVSSALFGAGKG
YRSPHINKLVHNADGSIQEVAANYAGVTQISNLNPYNRVEAETFAWNGRILTEKSTAPGGPVNNQHVTSIQNGDWIAVGN
ADFGAGGARSFKANVASTLGGKIEVRLDSADGKLVGTLNVPSTGGAQTWREIETAVSGATGVHKVFFVFTGTGTGNLFNF
DYWQFTQR
;
_entity_poly.pdbx_strand_id   A
#
loop_
_chem_comp.id
_chem_comp.type
_chem_comp.name
_chem_comp.formula
CA non-polymer 'CALCIUM ION' 'Ca 2'
GOL non-polymer GLYCEROL 'C3 H8 O3'
NA non-polymer 'SODIUM ION' 'Na 1'
XYP D-saccharide, beta linking beta-D-xylopyranose 'C5 H10 O5'
#
# COMPACT_ATOMS: atom_id res chain seq x y z
N SER A 1 -29.35 -2.09 11.86
CA SER A 1 -28.24 -2.61 12.71
C SER A 1 -26.85 -2.05 12.33
N ALA A 2 -26.63 -1.77 11.03
CA ALA A 2 -25.40 -1.13 10.53
C ALA A 2 -25.51 0.38 10.46
N THR A 3 -24.82 1.07 11.35
CA THR A 3 -24.98 2.53 11.40
C THR A 3 -23.73 3.34 10.97
N SER A 4 -22.54 2.77 11.14
CA SER A 4 -21.28 3.50 10.84
C SER A 4 -21.11 3.80 9.36
N THR A 5 -20.49 4.94 9.04
CA THR A 5 -20.35 5.37 7.66
C THR A 5 -18.93 5.10 7.19
N THR A 6 -18.74 5.02 5.89
CA THR A 6 -17.39 4.91 5.33
C THR A 6 -16.70 6.28 5.46
N ILE A 7 -15.42 6.26 5.78
CA ILE A 7 -14.65 7.50 5.88
C ILE A 7 -14.46 8.13 4.51
N ALA A 8 -13.95 7.36 3.55
CA ALA A 8 -13.53 7.92 2.25
C ALA A 8 -13.70 6.93 1.13
N LYS A 9 -13.44 5.64 1.42
CA LYS A 9 -13.70 4.59 0.43
C LYS A 9 -15.14 4.12 0.58
N HIS A 10 -16.00 4.70 -0.23
CA HIS A 10 -17.41 4.45 -0.14
C HIS A 10 -17.75 3.18 -0.89
N ILE A 11 -18.81 2.50 -0.44
CA ILE A 11 -19.24 1.25 -1.04
C ILE A 11 -19.41 1.43 -2.54
N GLY A 12 -18.83 0.52 -3.31
CA GLY A 12 -18.90 0.64 -4.74
C GLY A 12 -17.68 1.31 -5.31
N ASN A 13 -16.91 2.02 -4.47
CA ASN A 13 -15.70 2.73 -4.92
C ASN A 13 -14.49 1.90 -4.53
N SER A 14 -13.43 2.02 -5.32
CA SER A 14 -12.22 1.27 -5.12
C SER A 14 -11.08 2.12 -4.59
N ASN A 15 -11.24 3.45 -4.64
CA ASN A 15 -10.31 4.40 -4.00
C ASN A 15 -10.91 5.18 -2.83
N PRO A 16 -10.09 5.49 -1.79
CA PRO A 16 -8.72 4.92 -1.62
C PRO A 16 -8.85 3.39 -1.38
N LEU A 17 -7.77 2.63 -1.58
CA LEU A 17 -7.80 1.16 -1.45
C LEU A 17 -8.30 0.72 -0.08
N ILE A 18 -7.86 1.45 0.94
CA ILE A 18 -8.24 1.23 2.32
C ILE A 18 -8.53 2.60 2.94
N ASP A 19 -9.39 2.62 3.96
CA ASP A 19 -9.58 3.86 4.70
C ASP A 19 -9.67 3.60 6.20
N HIS A 20 -9.34 2.41 6.62
CA HIS A 20 -9.32 2.19 8.08
C HIS A 20 -7.96 2.26 8.73
N HIS A 21 -6.88 2.39 7.96
CA HIS A 21 -5.89 3.39 8.17
C HIS A 21 -5.23 3.99 6.94
N LEU A 22 -4.08 4.62 7.16
CA LEU A 22 -3.41 5.39 6.15
C LEU A 22 -2.36 4.54 5.48
N GLY A 23 -1.74 5.09 4.44
CA GLY A 23 -0.62 4.43 3.81
C GLY A 23 -0.15 5.31 2.70
N ALA A 24 1.11 5.74 2.79
CA ALA A 24 1.64 6.71 1.85
C ALA A 24 2.68 6.01 0.98
N ASP A 25 3.12 6.66 -0.08
CA ASP A 25 4.28 6.21 -0.88
C ASP A 25 4.13 4.76 -1.36
N PRO A 26 3.00 4.44 -1.98
CA PRO A 26 2.74 3.03 -2.30
C PRO A 26 3.63 2.50 -3.41
N VAL A 27 3.93 1.21 -3.31
CA VAL A 27 4.58 0.46 -4.35
C VAL A 27 3.87 -0.90 -4.45
N ALA A 28 3.91 -1.52 -5.64
CA ALA A 28 3.21 -2.77 -5.89
C ALA A 28 4.16 -3.92 -6.22
N LEU A 29 3.86 -5.09 -5.65
CA LEU A 29 4.44 -6.38 -6.06
C LEU A 29 3.31 -7.24 -6.62
N THR A 30 3.52 -7.81 -7.81
CA THR A 30 2.56 -8.74 -8.34
C THR A 30 3.20 -10.12 -8.20
N TYR A 31 2.50 -11.02 -7.53
CA TYR A 31 3.09 -12.31 -7.17
C TYR A 31 2.05 -13.36 -7.00
N ASN A 32 2.16 -14.40 -7.84
CA ASN A 32 1.32 -15.59 -7.77
C ASN A 32 -0.17 -15.29 -7.63
N GLY A 33 -0.67 -14.41 -8.49
CA GLY A 33 -2.08 -14.05 -8.51
C GLY A 33 -2.58 -12.99 -7.53
N ARG A 34 -1.66 -12.30 -6.84
CA ARG A 34 -2.02 -11.19 -5.96
C ARG A 34 -1.14 -9.97 -6.24
N VAL A 35 -1.68 -8.77 -5.98
CA VAL A 35 -0.90 -7.50 -5.98
C VAL A 35 -0.78 -7.30 -4.47
N TYR A 36 0.42 -7.28 -3.96
CA TYR A 36 0.84 -6.49 -2.82
C TYR A 36 1.19 -5.05 -2.88
N ILE A 37 0.58 -4.28 -1.99
CA ILE A 37 0.90 -2.86 -1.89
C ILE A 37 1.63 -2.65 -0.58
N TYR A 38 2.82 -2.07 -0.68
CA TYR A 38 3.66 -1.77 0.47
C TYR A 38 3.69 -0.27 0.58
N MET A 39 3.60 0.21 1.80
CA MET A 39 3.40 1.65 2.01
C MET A 39 4.17 2.15 3.18
N SER A 40 4.61 3.40 3.11
CA SER A 40 5.04 4.19 4.29
C SER A 40 3.92 4.21 5.32
N SER A 41 4.28 4.06 6.58
CA SER A 41 3.29 3.93 7.66
C SER A 41 2.81 5.31 8.15
N ASP A 42 2.10 6.04 7.28
CA ASP A 42 1.50 7.32 7.69
C ASP A 42 0.62 7.02 8.87
N ASP A 43 0.66 7.91 9.86
CA ASP A 43 0.03 7.65 11.13
C ASP A 43 -0.01 9.05 11.78
N TYR A 44 -1.17 9.44 12.29
CA TYR A 44 -1.37 10.84 12.76
C TYR A 44 -0.44 11.17 13.88
N GLU A 45 0.14 12.35 13.76
CA GLU A 45 0.86 12.99 14.85
C GLU A 45 -0.11 13.95 15.53
N TYR A 46 0.11 14.14 16.83
CA TYR A 46 -0.81 14.89 17.64
C TYR A 46 -0.05 15.93 18.41
N ASN A 47 -0.69 17.08 18.60
CA ASN A 47 -0.26 18.03 19.59
C ASN A 47 -0.56 17.43 20.97
N SER A 48 0.07 17.98 22.00
CA SER A 48 -0.12 17.51 23.35
C SER A 48 -1.58 17.58 23.81
N ASN A 49 -2.40 18.46 23.22
CA ASN A 49 -3.81 18.51 23.58
C ASN A 49 -4.70 17.55 22.80
N GLY A 50 -4.08 16.70 22.00
CA GLY A 50 -4.82 15.67 21.32
C GLY A 50 -5.36 16.07 19.99
N THR A 51 -5.01 17.26 19.51
CA THR A 51 -5.45 17.67 18.17
C THR A 51 -4.39 17.22 17.19
N ILE A 52 -4.77 17.07 15.94
CA ILE A 52 -3.86 16.54 14.93
C ILE A 52 -2.97 17.66 14.47
N LYS A 53 -1.69 17.38 14.30
CA LYS A 53 -0.84 18.33 13.64
C LYS A 53 -0.46 17.80 12.27
N ASP A 54 0.14 18.65 11.44
CA ASP A 54 0.55 18.29 10.12
C ASP A 54 1.53 17.12 10.18
N ASN A 55 1.46 16.25 9.19
CA ASN A 55 2.41 15.16 9.06
C ASN A 55 3.84 15.72 8.99
N SER A 56 4.72 15.27 9.86
CA SER A 56 6.12 15.63 9.75
C SER A 56 6.94 14.36 9.44
N PHE A 57 6.24 13.25 9.16
CA PHE A 57 6.83 11.93 8.87
C PHE A 57 7.43 11.24 10.11
N ALA A 58 7.08 11.72 11.29
CA ALA A 58 7.61 11.13 12.54
C ALA A 58 7.28 9.63 12.69
N ASN A 59 6.17 9.17 12.10
CA ASN A 59 5.72 7.80 12.34
C ASN A 59 6.09 6.82 11.24
N LEU A 60 6.95 7.24 10.31
CA LEU A 60 7.26 6.43 9.13
C LEU A 60 8.42 5.48 9.44
N ASN A 61 8.15 4.53 10.33
CA ASN A 61 9.13 3.54 10.79
C ASN A 61 8.63 2.10 10.57
N ARG A 62 7.50 1.96 9.90
CA ARG A 62 6.97 0.64 9.52
C ARG A 62 6.66 0.69 8.06
N VAL A 63 6.41 -0.50 7.50
CA VAL A 63 5.89 -0.62 6.15
C VAL A 63 4.58 -1.41 6.27
N PHE A 64 3.50 -0.77 5.83
CA PHE A 64 2.18 -1.36 5.82
C PHE A 64 2.04 -2.20 4.57
N VAL A 65 1.44 -3.37 4.69
CA VAL A 65 1.31 -4.23 3.52
C VAL A 65 -0.13 -4.71 3.41
N ILE A 66 -0.71 -4.52 2.23
CA ILE A 66 -2.01 -5.07 1.94
C ILE A 66 -1.87 -5.85 0.62
N SER A 67 -2.79 -6.76 0.35
CA SER A 67 -2.77 -7.49 -0.90
C SER A 67 -4.16 -7.79 -1.38
N SER A 68 -4.27 -8.03 -2.68
CA SER A 68 -5.56 -8.31 -3.26
C SER A 68 -5.38 -9.23 -4.42
N ALA A 69 -6.35 -10.11 -4.61
CA ALA A 69 -6.45 -10.87 -5.87
C ALA A 69 -7.35 -10.14 -6.87
N ASP A 70 -8.07 -9.10 -6.44
CA ASP A 70 -9.20 -8.55 -7.24
C ASP A 70 -9.34 -7.01 -7.35
N MET A 71 -8.44 -6.27 -6.69
CA MET A 71 -8.36 -4.77 -6.75
C MET A 71 -9.37 -4.07 -5.85
N VAL A 72 -10.21 -4.85 -5.16
CA VAL A 72 -11.31 -4.31 -4.38
C VAL A 72 -11.27 -4.83 -2.94
N ASN A 73 -11.14 -6.14 -2.78
CA ASN A 73 -10.96 -6.74 -1.45
C ASN A 73 -9.50 -6.75 -1.10
N TRP A 74 -9.16 -6.08 -0.01
CA TRP A 74 -7.76 -5.97 0.43
C TRP A 74 -7.59 -6.73 1.73
N THR A 75 -6.66 -7.68 1.71
CA THR A 75 -6.19 -8.38 2.89
C THR A 75 -5.19 -7.49 3.58
N ASP A 76 -5.43 -7.22 4.85
CA ASP A 76 -4.47 -6.42 5.58
C ASP A 76 -3.42 -7.34 6.18
N HIS A 77 -2.17 -7.17 5.75
CA HIS A 77 -1.11 -8.02 6.25
C HIS A 77 -0.39 -7.32 7.39
N GLY A 78 -0.89 -6.16 7.78
CA GLY A 78 -0.37 -5.49 8.96
C GLY A 78 0.88 -4.70 8.63
N ALA A 79 1.77 -4.62 9.60
CA ALA A 79 2.92 -3.73 9.50
C ALA A 79 4.20 -4.53 9.65
N ILE A 80 5.16 -4.25 8.78
CA ILE A 80 6.50 -4.73 8.98
C ILE A 80 7.27 -3.70 9.84
N PRO A 81 7.79 -4.14 11.02
CA PRO A 81 8.50 -3.17 11.86
C PRO A 81 9.93 -2.95 11.31
N VAL A 82 10.01 -2.27 10.18
CA VAL A 82 11.30 -2.13 9.49
C VAL A 82 12.34 -1.37 10.35
N ALA A 83 12.00 -0.18 10.81
CA ALA A 83 12.96 0.66 11.49
C ALA A 83 13.20 0.10 12.89
N GLY A 84 14.45 -0.05 13.27
CA GLY A 84 14.78 -0.59 14.59
C GLY A 84 15.64 0.34 15.43
N ALA A 85 16.04 1.49 14.88
CA ALA A 85 16.84 2.48 15.64
C ALA A 85 15.95 3.44 16.42
N ASN A 86 16.44 3.89 17.58
CA ASN A 86 15.78 4.96 18.38
C ASN A 86 14.40 4.69 19.07
N GLY A 87 14.06 3.48 19.53
CA GLY A 87 14.62 2.19 19.12
C GLY A 87 13.98 0.94 19.74
N ALA A 88 12.65 0.66 19.67
CA ALA A 88 11.49 1.36 18.99
C ALA A 88 11.38 1.40 17.44
N ASN A 89 10.33 0.88 16.77
CA ASN A 89 9.31 -0.17 17.06
C ASN A 89 9.33 -1.04 18.33
N GLY A 90 9.52 -0.43 19.49
CA GLY A 90 9.53 -1.13 20.78
C GLY A 90 10.37 -2.39 20.88
N GLY A 91 11.55 -2.41 20.29
CA GLY A 91 12.26 -3.68 20.37
C GLY A 91 12.63 -4.23 19.04
N ARG A 92 11.77 -4.16 18.02
CA ARG A 92 10.92 -5.26 17.53
C ARG A 92 11.56 -5.26 16.12
N GLY A 93 12.33 -4.25 15.80
CA GLY A 93 12.09 -3.46 14.63
C GLY A 93 13.39 -3.94 13.94
N ILE A 94 13.50 -4.11 12.62
CA ILE A 94 14.10 -5.33 12.08
C ILE A 94 15.51 -4.77 11.68
N ALA A 95 15.52 -3.57 11.09
CA ALA A 95 16.76 -2.89 10.65
C ALA A 95 17.24 -1.96 11.76
N LYS A 96 18.19 -2.46 12.57
CA LYS A 96 18.57 -1.77 13.81
C LYS A 96 19.28 -0.43 13.56
N TRP A 97 19.82 -0.27 12.35
CA TRP A 97 20.55 0.94 11.97
C TRP A 97 19.61 2.07 11.50
N ALA A 98 18.35 1.72 11.20
CA ALA A 98 17.44 2.66 10.52
C ALA A 98 16.42 3.25 11.49
N GLY A 99 16.35 4.58 11.55
CA GLY A 99 15.31 5.23 12.35
C GLY A 99 14.02 5.41 11.57
N ALA A 100 14.07 5.16 10.27
CA ALA A 100 12.89 5.43 9.41
C ALA A 100 12.87 4.40 8.29
N SER A 101 11.69 4.20 7.71
CA SER A 101 11.60 3.32 6.56
C SER A 101 10.60 3.93 5.62
N TRP A 102 11.05 4.93 4.87
CA TRP A 102 10.16 5.69 3.98
C TRP A 102 10.10 5.01 2.63
N ALA A 103 8.92 5.02 2.03
CA ALA A 103 8.80 4.88 0.58
C ALA A 103 9.37 3.52 0.08
N PRO A 104 8.73 2.41 0.51
CA PRO A 104 9.30 1.10 0.24
C PRO A 104 9.35 0.78 -1.24
N SER A 105 10.21 -0.15 -1.62
CA SER A 105 10.16 -0.75 -2.93
C SER A 105 10.33 -2.23 -2.65
N ILE A 106 9.80 -3.06 -3.53
CA ILE A 106 9.69 -4.49 -3.27
C ILE A 106 10.13 -5.17 -4.56
N ALA A 107 10.90 -6.26 -4.43
CA ALA A 107 11.22 -7.09 -5.58
C ALA A 107 11.16 -8.56 -5.19
N VAL A 108 10.88 -9.40 -6.17
CA VAL A 108 11.00 -10.85 -5.97
C VAL A 108 11.97 -11.36 -7.05
N LYS A 109 12.81 -12.31 -6.66
CA LYS A 109 13.70 -12.93 -7.60
C LYS A 109 13.80 -14.41 -7.21
N LYS A 110 13.72 -15.31 -8.19
CA LYS A 110 13.97 -16.72 -7.89
C LYS A 110 15.47 -16.90 -7.77
N ILE A 111 15.91 -17.34 -6.60
CA ILE A 111 17.32 -17.68 -6.37
C ILE A 111 17.44 -19.15 -5.90
N ASN A 112 18.24 -19.94 -6.62
CA ASN A 112 18.45 -21.38 -6.33
C ASN A 112 17.10 -22.10 -6.31
N GLY A 113 16.27 -21.80 -7.32
CA GLY A 113 14.95 -22.39 -7.45
C GLY A 113 13.91 -21.98 -6.43
N LYS A 114 14.23 -21.02 -5.57
CA LYS A 114 13.28 -20.55 -4.56
C LYS A 114 13.02 -19.03 -4.65
N ASP A 115 11.75 -18.63 -4.64
CA ASP A 115 11.42 -17.21 -4.72
C ASP A 115 11.91 -16.47 -3.48
N LYS A 116 12.70 -15.43 -3.70
CA LYS A 116 13.20 -14.65 -2.59
C LYS A 116 12.71 -13.21 -2.74
N PHE A 117 12.34 -12.58 -1.63
CA PHE A 117 11.72 -11.26 -1.63
C PHE A 117 12.62 -10.24 -0.96
N PHE A 118 12.61 -9.03 -1.50
CA PHE A 118 13.52 -7.96 -1.12
C PHE A 118 12.73 -6.68 -0.96
N LEU A 119 12.70 -6.17 0.27
CA LEU A 119 12.02 -4.92 0.58
C LEU A 119 13.04 -3.84 0.78
N TYR A 120 12.96 -2.79 -0.03
CA TYR A 120 13.87 -1.65 0.03
C TYR A 120 13.15 -0.47 0.65
N PHE A 121 13.91 0.40 1.29
CA PHE A 121 13.31 1.52 2.01
C PHE A 121 14.37 2.60 2.21
N ALA A 122 13.93 3.82 2.46
CA ALA A 122 14.84 4.93 2.70
C ALA A 122 14.82 5.26 4.17
N ASN A 123 16.03 5.37 4.74
CA ASN A 123 16.17 5.80 6.11
C ASN A 123 16.09 7.34 6.08
N SER A 124 14.87 7.87 5.95
CA SER A 124 14.65 9.29 5.57
C SER A 124 15.41 9.66 4.28
N GLY A 125 16.13 10.78 4.30
CA GLY A 125 16.82 11.29 3.12
C GLY A 125 18.27 10.89 3.05
N GLY A 126 18.68 9.94 3.91
CA GLY A 126 20.08 9.59 4.06
C GLY A 126 20.63 8.28 3.51
N GLY A 127 19.78 7.32 3.19
CA GLY A 127 20.26 6.06 2.60
C GLY A 127 19.16 5.05 2.37
N ILE A 128 19.47 4.00 1.61
CA ILE A 128 18.53 2.97 1.25
C ILE A 128 18.96 1.66 1.93
N GLY A 129 18.02 0.97 2.55
CA GLY A 129 18.27 -0.34 3.13
C GLY A 129 17.46 -1.41 2.44
N VAL A 130 17.73 -2.67 2.78
CA VAL A 130 16.99 -3.78 2.22
C VAL A 130 16.72 -4.84 3.29
N LEU A 131 15.51 -5.39 3.32
CA LEU A 131 15.23 -6.62 4.09
C LEU A 131 14.92 -7.78 3.14
N THR A 132 15.08 -9.02 3.59
CA THR A 132 14.84 -10.20 2.76
C THR A 132 13.82 -11.13 3.44
N ALA A 133 13.10 -11.90 2.64
CA ALA A 133 12.17 -12.87 3.18
C ALA A 133 11.92 -13.96 2.16
N ASP A 134 11.35 -15.08 2.64
CA ASP A 134 10.97 -16.19 1.79
C ASP A 134 9.47 -16.13 1.39
N SER A 135 8.80 -15.07 1.80
CA SER A 135 7.41 -14.83 1.39
C SER A 135 7.20 -13.31 1.26
N PRO A 136 6.18 -12.87 0.49
CA PRO A 136 5.99 -11.41 0.28
C PRO A 136 5.59 -10.68 1.56
N ILE A 137 5.19 -11.43 2.59
CA ILE A 137 4.78 -10.81 3.83
C ILE A 137 5.73 -11.17 4.97
N GLY A 138 6.86 -11.81 4.66
CA GLY A 138 7.85 -12.07 5.72
C GLY A 138 7.81 -13.52 6.23
N PRO A 139 8.42 -13.80 7.38
CA PRO A 139 9.13 -12.80 8.16
C PRO A 139 10.42 -12.30 7.45
N TRP A 140 10.88 -11.12 7.89
CA TRP A 140 11.96 -10.34 7.25
C TRP A 140 13.24 -10.41 8.06
N THR A 141 14.36 -10.40 7.34
CA THR A 141 15.71 -10.43 7.90
C THR A 141 16.42 -9.20 7.35
N ASP A 142 17.28 -8.56 8.16
CA ASP A 142 18.19 -7.55 7.64
C ASP A 142 19.56 -8.23 7.41
N PRO A 143 19.87 -8.65 6.16
CA PRO A 143 21.10 -9.42 5.86
C PRO A 143 22.39 -8.64 6.24
N ILE A 144 22.37 -7.30 6.30
CA ILE A 144 23.49 -6.47 5.84
C ILE A 144 23.81 -5.80 7.22
N GLY A 145 22.76 -5.34 7.93
CA GLY A 145 22.91 -4.60 9.19
C GLY A 145 23.35 -3.15 9.04
N LYS A 146 23.37 -2.67 7.80
CA LYS A 146 23.75 -1.28 7.48
C LYS A 146 22.97 -0.94 6.21
N PRO A 147 22.93 0.35 5.84
CA PRO A 147 22.32 0.69 4.55
C PRO A 147 22.98 -0.02 3.38
N LEU A 148 22.18 -0.34 2.38
CA LEU A 148 22.65 -0.89 1.13
C LEU A 148 23.32 0.21 0.28
N VAL A 149 22.74 1.41 0.28
CA VAL A 149 23.22 2.55 -0.52
C VAL A 149 23.32 3.75 0.39
N THR A 150 24.46 4.43 0.33
CA THR A 150 24.68 5.67 1.09
C THR A 150 25.25 6.72 0.11
N PRO A 151 25.41 7.98 0.59
CA PRO A 151 26.11 8.97 -0.24
C PRO A 151 27.52 8.54 -0.69
N SER A 152 28.09 7.53 -0.04
CA SER A 152 29.41 7.02 -0.38
C SER A 152 29.36 5.93 -1.46
N THR A 153 28.16 5.44 -1.77
CA THR A 153 28.02 4.49 -2.86
C THR A 153 28.49 5.22 -4.15
N PRO A 154 29.35 4.56 -4.95
CA PRO A 154 29.87 5.21 -6.15
C PRO A 154 28.74 5.75 -7.03
N GLY A 155 28.86 7.01 -7.42
CA GLY A 155 27.87 7.66 -8.29
C GLY A 155 26.78 8.40 -7.53
N MET A 156 26.71 8.19 -6.22
CA MET A 156 25.61 8.73 -5.39
C MET A 156 25.87 10.11 -4.81
N SER A 157 27.09 10.61 -4.93
CA SER A 157 27.32 11.98 -4.47
C SER A 157 26.59 12.94 -5.44
N GLY A 158 26.12 14.05 -4.89
CA GLY A 158 25.39 15.00 -5.70
C GLY A 158 23.90 14.79 -5.52
N VAL A 159 23.51 13.67 -4.91
CA VAL A 159 22.09 13.43 -4.60
C VAL A 159 21.77 14.27 -3.38
N VAL A 160 20.73 15.09 -3.47
CA VAL A 160 20.29 15.93 -2.35
C VAL A 160 19.50 15.09 -1.32
N TRP A 161 18.49 14.36 -1.80
CA TRP A 161 17.72 13.49 -0.93
C TRP A 161 17.89 12.06 -1.39
N LEU A 162 18.65 11.26 -0.62
CA LEU A 162 18.97 9.90 -1.05
C LEU A 162 17.87 8.95 -0.59
N PHE A 163 16.75 9.01 -1.30
CA PHE A 163 15.56 8.31 -0.83
C PHE A 163 14.68 7.82 -2.00
N ASP A 164 13.43 7.49 -1.69
CA ASP A 164 12.47 7.05 -2.69
C ASP A 164 13.05 6.01 -3.62
N PRO A 165 13.44 4.83 -3.07
CA PRO A 165 14.01 3.81 -3.92
C PRO A 165 12.94 3.16 -4.84
N ALA A 166 13.37 2.73 -6.01
CA ALA A 166 12.55 1.87 -6.85
C ALA A 166 13.47 0.74 -7.32
N VAL A 167 13.12 -0.49 -7.02
CA VAL A 167 13.92 -1.62 -7.45
C VAL A 167 13.14 -2.43 -8.46
N PHE A 168 13.78 -2.65 -9.59
CA PHE A 168 13.17 -3.28 -10.74
C PHE A 168 14.03 -4.49 -11.06
N VAL A 169 13.41 -5.67 -11.15
CA VAL A 169 14.08 -6.86 -11.68
C VAL A 169 13.72 -6.99 -13.16
N ASP A 170 14.73 -6.94 -13.99
CA ASP A 170 14.53 -6.99 -15.42
C ASP A 170 14.22 -8.43 -15.84
N ASP A 171 13.70 -8.58 -17.04
CA ASP A 171 13.36 -9.90 -17.60
C ASP A 171 14.52 -10.87 -17.58
N ASP A 172 15.75 -10.36 -17.72
CA ASP A 172 16.95 -11.21 -17.63
C ASP A 172 17.34 -11.56 -16.20
N GLY A 173 16.60 -11.07 -15.21
CA GLY A 173 16.91 -11.38 -13.82
C GLY A 173 17.81 -10.34 -13.16
N THR A 174 18.22 -9.31 -13.90
CA THR A 174 19.07 -8.24 -13.33
C THR A 174 18.23 -7.21 -12.61
N GLY A 175 18.58 -6.97 -11.34
CA GLY A 175 17.97 -5.89 -10.56
C GLY A 175 18.65 -4.53 -10.78
N TYR A 176 17.83 -3.48 -10.72
CA TYR A 176 18.31 -2.11 -10.78
C TYR A 176 17.63 -1.32 -9.67
N LEU A 177 18.39 -0.42 -9.06
CA LEU A 177 17.87 0.47 -8.05
C LEU A 177 17.91 1.92 -8.53
N TYR A 178 16.74 2.55 -8.51
CA TYR A 178 16.58 3.97 -8.84
C TYR A 178 16.34 4.67 -7.52
N ALA A 179 16.97 5.83 -7.35
CA ALA A 179 16.83 6.50 -6.09
C ALA A 179 17.21 7.95 -6.26
N GLY A 180 16.97 8.75 -5.23
CA GLY A 180 17.36 10.16 -5.27
C GLY A 180 16.24 11.16 -5.30
N GLY A 181 16.61 12.41 -5.57
CA GLY A 181 15.72 13.54 -5.59
C GLY A 181 16.27 14.70 -4.77
N GLY A 182 15.42 15.68 -4.50
CA GLY A 182 15.88 16.91 -3.89
C GLY A 182 16.40 17.86 -4.97
N VAL A 183 16.55 19.13 -4.62
CA VAL A 183 16.93 20.16 -5.58
C VAL A 183 18.13 20.86 -4.93
N PRO A 184 19.24 20.99 -5.66
CA PRO A 184 20.39 21.65 -5.05
C PRO A 184 20.15 23.16 -4.95
N GLY A 185 20.90 23.82 -4.07
CA GLY A 185 20.78 25.26 -3.89
C GLY A 185 20.07 25.61 -2.61
N VAL A 186 19.83 24.60 -1.76
CA VAL A 186 19.20 24.74 -0.44
C VAL A 186 17.92 25.60 -0.46
N SER A 187 17.88 26.68 0.33
CA SER A 187 16.66 27.50 0.47
C SER A 187 16.35 28.33 -0.77
N ASN A 188 17.33 28.46 -1.67
CA ASN A 188 17.18 29.27 -2.86
C ASN A 188 17.78 28.72 -4.14
N PRO A 189 17.23 27.62 -4.69
CA PRO A 189 17.80 27.14 -5.94
C PRO A 189 17.65 28.22 -7.00
N THR A 190 18.60 28.32 -7.90
CA THR A 190 18.43 29.16 -9.06
C THR A 190 17.39 28.48 -9.96
N GLN A 191 16.87 29.21 -10.94
CA GLN A 191 16.00 28.66 -11.97
C GLN A 191 16.56 27.36 -12.57
N GLY A 192 17.85 27.35 -12.89
CA GLY A 192 18.49 26.23 -13.54
C GLY A 192 18.63 25.03 -12.63
N GLN A 193 18.73 25.28 -11.32
CA GLN A 193 18.76 24.21 -10.34
C GLN A 193 17.38 23.56 -10.22
N TRP A 194 16.31 24.37 -10.18
CA TRP A 194 14.96 23.84 -10.33
C TRP A 194 14.80 22.97 -11.58
N ALA A 195 15.27 23.50 -12.71
CA ALA A 195 15.05 22.86 -14.01
C ALA A 195 15.86 21.58 -14.17
N ASN A 196 17.10 21.56 -13.68
CA ASN A 196 17.91 20.33 -13.76
C ASN A 196 18.59 20.02 -12.45
N PRO A 197 17.84 19.45 -11.48
CA PRO A 197 18.47 19.11 -10.21
C PRO A 197 19.60 18.11 -10.30
N LYS A 198 19.49 17.16 -11.24
CA LYS A 198 20.51 16.11 -11.43
C LYS A 198 20.78 15.29 -10.16
N THR A 199 19.69 15.00 -9.46
CA THR A 199 19.72 14.28 -8.19
C THR A 199 19.13 12.88 -8.31
N ALA A 200 18.59 12.52 -9.47
CA ALA A 200 18.08 11.15 -9.71
C ALA A 200 19.22 10.21 -10.08
N ARG A 201 19.17 8.97 -9.59
CA ARG A 201 20.26 7.99 -9.85
C ARG A 201 19.69 6.60 -10.16
N VAL A 202 20.42 5.83 -10.96
CA VAL A 202 20.16 4.40 -11.08
C VAL A 202 21.48 3.67 -10.87
N ILE A 203 21.40 2.55 -10.16
CA ILE A 203 22.53 1.66 -9.96
C ILE A 203 22.08 0.21 -10.19
N LYS A 204 22.94 -0.57 -10.84
CA LYS A 204 22.68 -2.00 -11.02
C LYS A 204 22.92 -2.75 -9.72
N LEU A 205 22.07 -3.73 -9.47
CA LEU A 205 22.22 -4.58 -8.30
C LEU A 205 22.98 -5.84 -8.65
N GLY A 206 23.65 -6.42 -7.64
CA GLY A 206 24.23 -7.75 -7.79
C GLY A 206 23.14 -8.81 -7.87
N PRO A 207 23.49 -10.04 -8.33
CA PRO A 207 22.51 -11.14 -8.49
C PRO A 207 21.68 -11.45 -7.24
N ASP A 208 22.28 -11.25 -6.07
CA ASP A 208 21.63 -11.57 -4.82
C ASP A 208 20.69 -10.46 -4.34
N MET A 209 20.65 -9.33 -5.07
CA MET A 209 19.71 -8.24 -4.81
C MET A 209 20.02 -7.49 -3.53
N THR A 210 21.12 -7.86 -2.87
CA THR A 210 21.51 -7.18 -1.64
C THR A 210 22.93 -6.63 -1.77
N SER A 211 23.26 -6.20 -2.98
CA SER A 211 24.50 -5.55 -3.22
C SER A 211 24.36 -4.77 -4.51
N VAL A 212 25.26 -3.81 -4.73
CA VAL A 212 25.27 -3.04 -5.98
C VAL A 212 26.46 -3.44 -6.83
N VAL A 213 26.38 -3.15 -8.12
CA VAL A 213 27.41 -3.48 -9.07
C VAL A 213 27.77 -2.16 -9.76
N GLY A 214 29.06 -1.87 -9.87
CA GLY A 214 29.52 -0.67 -10.57
C GLY A 214 29.14 0.63 -9.88
N SER A 215 28.93 1.68 -10.66
CA SER A 215 28.52 2.96 -10.07
C SER A 215 27.11 3.38 -10.48
N ALA A 216 26.52 4.30 -9.73
CA ALA A 216 25.23 4.85 -10.11
C ALA A 216 25.39 5.81 -11.28
N SER A 217 24.40 5.83 -12.19
CA SER A 217 24.34 6.85 -13.23
C SER A 217 23.32 7.90 -12.82
N THR A 218 23.56 9.14 -13.24
CA THR A 218 22.61 10.21 -13.04
C THR A 218 21.54 10.11 -14.11
N ILE A 219 20.28 10.19 -13.71
CA ILE A 219 19.22 10.42 -14.65
C ILE A 219 18.87 11.92 -14.59
N ASP A 220 19.06 12.64 -15.69
CA ASP A 220 18.76 14.08 -15.73
C ASP A 220 17.27 14.28 -16.01
N ALA A 221 16.45 13.99 -15.00
CA ALA A 221 15.03 14.16 -15.07
C ALA A 221 14.79 15.66 -14.93
N PRO A 222 14.19 16.30 -15.95
CA PRO A 222 13.95 17.73 -15.87
C PRO A 222 12.98 18.04 -14.70
N PHE A 223 13.35 19.05 -13.91
CA PHE A 223 12.58 19.43 -12.72
C PHE A 223 12.37 18.21 -11.79
N MET A 224 13.38 17.35 -11.71
CA MET A 224 13.35 16.23 -10.78
C MET A 224 12.97 16.70 -9.39
N PHE A 225 12.19 15.89 -8.69
CA PHE A 225 11.99 16.13 -7.26
C PHE A 225 12.22 14.88 -6.39
N GLU A 226 11.47 13.82 -6.66
CA GLU A 226 11.51 12.62 -5.81
C GLU A 226 10.70 11.53 -6.52
N ASP A 227 10.45 10.42 -5.81
CA ASP A 227 9.47 9.45 -6.28
C ASP A 227 9.91 8.73 -7.56
N SER A 228 11.16 8.25 -7.61
CA SER A 228 11.61 7.40 -8.72
C SER A 228 10.66 6.23 -8.92
N GLY A 229 10.41 5.92 -10.18
CA GLY A 229 9.66 4.72 -10.55
C GLY A 229 10.19 4.16 -11.84
N LEU A 230 10.04 2.84 -12.02
CA LEU A 230 10.50 2.18 -13.20
C LEU A 230 9.47 1.16 -13.58
N HIS A 231 8.93 1.26 -14.79
CA HIS A 231 8.24 0.11 -15.36
C HIS A 231 8.71 -0.11 -16.78
N LYS A 232 8.44 -1.30 -17.28
CA LYS A 232 8.90 -1.68 -18.57
C LYS A 232 7.68 -2.04 -19.39
N TYR A 233 7.49 -1.29 -20.48
CA TYR A 233 6.36 -1.51 -21.35
C TYR A 233 6.86 -1.71 -22.77
N ASN A 234 6.48 -2.85 -23.34
CA ASN A 234 6.79 -3.16 -24.72
C ASN A 234 8.28 -2.93 -25.02
N GLY A 235 9.12 -3.46 -24.15
CA GLY A 235 10.55 -3.44 -24.32
C GLY A 235 11.22 -2.13 -24.00
N THR A 236 10.44 -1.13 -23.61
CA THR A 236 10.99 0.19 -23.28
C THR A 236 10.88 0.43 -21.78
N TYR A 237 11.93 1.02 -21.23
CA TYR A 237 11.98 1.32 -19.81
C TYR A 237 11.48 2.72 -19.57
N TYR A 238 10.57 2.85 -18.63
CA TYR A 238 9.95 4.12 -18.35
C TYR A 238 10.35 4.50 -16.95
N TYR A 239 11.15 5.56 -16.87
CA TYR A 239 11.53 6.15 -15.62
C TYR A 239 10.58 7.29 -15.29
N SER A 240 9.85 7.15 -14.18
CA SER A 240 8.90 8.17 -13.81
C SER A 240 9.29 8.76 -12.47
N TYR A 241 8.81 9.96 -12.19
CA TYR A 241 9.29 10.67 -11.01
C TYR A 241 8.35 11.81 -10.78
N CYS A 242 8.40 12.39 -9.59
CA CYS A 242 7.58 13.55 -9.34
C CYS A 242 8.39 14.80 -9.71
N ILE A 243 7.79 15.64 -10.53
CA ILE A 243 8.33 16.94 -10.92
C ILE A 243 8.26 17.91 -9.74
N ASN A 244 9.31 18.73 -9.55
CA ASN A 244 9.35 19.63 -8.39
C ASN A 244 8.32 20.79 -8.46
N PHE A 245 8.29 21.64 -7.42
CA PHE A 245 7.26 22.65 -7.33
C PHE A 245 7.79 24.07 -7.53
N GLY A 246 9.10 24.22 -7.64
CA GLY A 246 9.71 25.55 -7.59
C GLY A 246 10.19 26.01 -8.94
N GLY A 247 10.47 27.32 -9.04
CA GLY A 247 10.97 27.93 -10.27
C GLY A 247 9.82 28.13 -11.22
N THR A 248 10.08 28.72 -12.37
CA THR A 248 9.06 28.72 -13.40
C THR A 248 9.16 27.38 -14.09
N HIS A 249 8.03 26.86 -14.54
CA HIS A 249 8.03 25.57 -15.25
C HIS A 249 7.46 25.79 -16.63
N PRO A 250 7.95 25.03 -17.63
CA PRO A 250 7.32 25.07 -18.93
C PRO A 250 5.99 24.32 -18.82
N ALA A 251 5.14 24.51 -19.81
CA ALA A 251 3.86 23.84 -19.84
C ALA A 251 4.00 22.31 -19.79
N ASP A 252 5.06 21.74 -20.35
CA ASP A 252 5.20 20.27 -20.43
C ASP A 252 5.81 19.61 -19.21
N LYS A 253 6.18 20.41 -18.20
CA LYS A 253 6.73 19.89 -16.95
C LYS A 253 6.05 20.58 -15.79
N PRO A 254 4.73 20.32 -15.64
CA PRO A 254 3.95 21.03 -14.66
C PRO A 254 4.34 20.63 -13.24
N PRO A 255 4.42 21.61 -12.35
CA PRO A 255 4.91 21.39 -11.01
C PRO A 255 4.10 20.34 -10.22
N GLY A 256 4.78 19.42 -9.56
CA GLY A 256 4.13 18.46 -8.64
C GLY A 256 3.42 17.32 -9.34
N GLU A 257 3.64 17.17 -10.63
CA GLU A 257 2.98 16.12 -11.41
C GLU A 257 3.96 15.02 -11.70
N ILE A 258 3.47 13.86 -12.11
CA ILE A 258 4.40 12.75 -12.36
C ILE A 258 4.91 12.83 -13.78
N GLY A 259 6.22 13.05 -13.92
CA GLY A 259 6.85 13.10 -15.23
C GLY A 259 7.38 11.72 -15.58
N TYR A 260 7.64 11.48 -16.85
CA TYR A 260 8.27 10.22 -17.23
C TYR A 260 9.19 10.39 -18.40
N MET A 261 10.15 9.48 -18.44
CA MET A 261 11.18 9.45 -19.45
C MET A 261 11.31 8.01 -19.96
N THR A 262 11.81 7.85 -21.19
CA THR A 262 11.97 6.50 -21.73
C THR A 262 13.40 6.28 -22.17
N SER A 263 13.75 4.98 -22.22
CA SER A 263 15.04 4.57 -22.69
C SER A 263 14.91 3.12 -23.11
N SER A 264 15.82 2.70 -23.98
CA SER A 264 15.82 1.32 -24.41
C SER A 264 16.70 0.50 -23.47
N SER A 265 17.32 1.15 -22.48
CA SER A 265 18.05 0.42 -21.45
C SER A 265 17.66 0.87 -20.05
N PRO A 266 17.70 -0.06 -19.09
CA PRO A 266 17.25 0.34 -17.74
C PRO A 266 18.08 1.45 -17.15
N MET A 267 19.35 1.59 -17.57
CA MET A 267 20.19 2.67 -17.02
C MET A 267 20.30 3.94 -17.87
N GLY A 268 19.50 4.01 -18.94
CA GLY A 268 19.45 5.19 -19.78
C GLY A 268 20.24 5.01 -21.08
N PRO A 269 20.41 6.10 -21.86
CA PRO A 269 19.97 7.47 -21.54
C PRO A 269 18.46 7.61 -21.60
N PHE A 270 17.90 8.42 -20.70
CA PHE A 270 16.48 8.62 -20.66
C PHE A 270 16.11 9.92 -21.37
N THR A 271 14.96 9.94 -22.04
CA THR A 271 14.48 11.14 -22.69
C THR A 271 13.14 11.46 -22.12
N TYR A 272 12.96 12.70 -21.63
CA TYR A 272 11.68 13.13 -21.08
C TYR A 272 10.57 13.03 -22.13
N ARG A 273 9.42 12.47 -21.74
CA ARG A 273 8.30 12.27 -22.66
CA ARG A 273 8.31 12.31 -22.67
C ARG A 273 7.06 13.23 -22.54
N GLY A 274 6.54 13.61 -21.38
CA GLY A 274 6.43 12.84 -20.24
C GLY A 274 5.71 13.41 -19.04
N HIS A 275 4.41 13.71 -19.03
CA HIS A 275 3.70 13.68 -17.69
C HIS A 275 2.32 12.96 -17.69
N PHE A 276 2.02 12.16 -16.66
CA PHE A 276 0.81 11.35 -16.68
C PHE A 276 -0.06 11.34 -15.43
N LEU A 277 0.39 12.01 -14.38
CA LEU A 277 -0.42 12.04 -13.18
C LEU A 277 -0.33 13.41 -12.53
N LYS A 278 -1.46 14.15 -12.55
CA LYS A 278 -1.43 15.45 -11.92
C LYS A 278 -1.25 15.26 -10.43
N ASN A 279 -0.91 16.35 -9.76
CA ASN A 279 -0.86 16.37 -8.33
C ASN A 279 -2.20 15.89 -7.75
N PRO A 280 -2.14 15.08 -6.67
CA PRO A 280 -3.39 14.67 -6.05
C PRO A 280 -4.32 15.85 -5.70
N GLY A 281 -3.75 17.03 -5.42
CA GLY A 281 -4.52 18.23 -5.16
C GLY A 281 -5.39 18.67 -6.33
N ALA A 282 -4.95 18.37 -7.55
CA ALA A 282 -5.70 18.74 -8.72
C ALA A 282 -7.00 17.99 -8.77
N PHE A 283 -7.00 16.77 -8.20
CA PHE A 283 -8.18 15.91 -8.25
C PHE A 283 -8.98 15.99 -6.97
N PHE A 284 -8.30 15.98 -5.83
CA PHE A 284 -8.97 15.76 -4.58
C PHE A 284 -8.93 17.00 -3.71
N GLY A 285 -8.23 18.04 -4.21
CA GLY A 285 -7.99 19.33 -3.54
C GLY A 285 -6.97 19.29 -2.41
N GLY A 286 -6.12 20.29 -2.23
CA GLY A 286 -5.18 20.86 -3.20
C GLY A 286 -4.12 21.25 -2.18
N GLY A 287 -3.12 20.41 -1.84
CA GLY A 287 -2.53 19.28 -2.57
C GLY A 287 -1.30 18.89 -1.72
N GLY A 288 -0.27 18.29 -2.31
CA GLY A 288 0.91 17.89 -1.52
C GLY A 288 1.92 17.11 -2.35
N ASN A 289 2.72 16.28 -1.70
CA ASN A 289 3.64 15.44 -2.45
C ASN A 289 2.90 14.34 -3.18
N ASN A 290 3.56 13.83 -4.19
CA ASN A 290 2.91 12.97 -5.11
C ASN A 290 3.79 11.83 -5.49
N HIS A 291 3.31 10.60 -5.45
CA HIS A 291 4.08 9.43 -5.11
C HIS A 291 3.37 8.15 -5.55
N HIS A 292 3.98 7.27 -6.35
CA HIS A 292 3.32 6.59 -7.49
C HIS A 292 4.21 5.36 -7.77
N ALA A 293 3.60 4.29 -8.26
CA ALA A 293 4.34 3.20 -8.87
C ALA A 293 3.43 2.58 -9.94
N VAL A 294 4.01 2.27 -11.09
CA VAL A 294 3.26 1.73 -12.21
C VAL A 294 3.47 0.22 -12.19
N PHE A 295 2.43 -0.56 -12.42
CA PHE A 295 2.60 -2.01 -12.38
C PHE A 295 1.55 -2.64 -13.28
N ASN A 296 1.82 -3.86 -13.68
CA ASN A 296 0.86 -4.66 -14.42
C ASN A 296 0.42 -5.84 -13.59
N PHE A 297 -0.89 -5.90 -13.32
CA PHE A 297 -1.44 -6.97 -12.52
C PHE A 297 -2.56 -7.62 -13.29
N LYS A 298 -2.55 -8.95 -13.34
CA LYS A 298 -3.55 -9.71 -14.10
C LYS A 298 -3.83 -9.01 -15.43
N ASN A 299 -2.74 -8.74 -16.15
CA ASN A 299 -2.79 -8.29 -17.54
C ASN A 299 -3.33 -6.90 -17.74
N GLU A 300 -3.30 -6.06 -16.71
CA GLU A 300 -3.66 -4.66 -16.91
C GLU A 300 -2.64 -3.71 -16.26
N TRP A 301 -2.40 -2.57 -16.91
CA TRP A 301 -1.50 -1.53 -16.38
C TRP A 301 -2.22 -0.59 -15.42
N TYR A 302 -1.61 -0.39 -14.27
CA TYR A 302 -2.18 0.45 -13.21
C TYR A 302 -1.11 1.36 -12.68
N VAL A 303 -1.55 2.44 -12.03
CA VAL A 303 -0.63 3.20 -11.18
C VAL A 303 -1.23 3.22 -9.80
N VAL A 304 -0.40 2.93 -8.80
CA VAL A 304 -0.76 3.17 -7.43
C VAL A 304 -0.14 4.51 -7.06
N TYR A 305 -0.87 5.33 -6.31
CA TYR A 305 -0.38 6.65 -5.93
C TYR A 305 -1.06 6.98 -4.61
N HIS A 306 -0.72 8.12 -4.03
CA HIS A 306 -1.37 8.50 -2.77
C HIS A 306 -2.07 9.85 -2.86
N ALA A 307 -2.97 10.08 -1.92
CA ALA A 307 -3.69 11.33 -1.87
C ALA A 307 -4.17 11.46 -0.46
N GLN A 308 -4.53 12.68 -0.08
CA GLN A 308 -4.95 12.95 1.29
C GLN A 308 -6.46 12.78 1.49
N THR A 309 -7.00 11.69 0.96
CA THR A 309 -8.43 11.53 0.89
C THR A 309 -9.11 10.98 2.15
N VAL A 310 -8.37 10.33 3.03
CA VAL A 310 -8.93 9.80 4.26
C VAL A 310 -8.80 10.88 5.33
N SER A 311 -7.58 11.39 5.55
CA SER A 311 -7.40 12.49 6.50
C SER A 311 -8.31 13.70 6.19
N SER A 312 -8.43 14.10 4.92
CA SER A 312 -9.31 15.26 4.60
CA SER A 312 -9.31 15.26 4.60
C SER A 312 -10.76 14.99 4.99
N ALA A 313 -11.23 13.76 4.75
CA ALA A 313 -12.59 13.39 5.13
C ALA A 313 -12.81 13.40 6.65
N LEU A 314 -11.77 13.08 7.40
CA LEU A 314 -11.90 13.01 8.84
C LEU A 314 -11.76 14.40 9.45
N PHE A 315 -10.88 15.22 8.88
CA PHE A 315 -10.46 16.47 9.54
C PHE A 315 -10.85 17.76 8.84
N GLY A 316 -11.24 17.69 7.58
CA GLY A 316 -11.47 18.92 6.82
C GLY A 316 -10.19 19.52 6.26
N ALA A 317 -9.06 18.82 6.44
CA ALA A 317 -7.76 19.20 5.85
C ALA A 317 -6.94 17.93 5.81
N GLY A 318 -6.22 17.71 4.71
CA GLY A 318 -5.45 16.46 4.58
C GLY A 318 -4.24 16.43 5.49
N LYS A 319 -3.68 17.63 5.72
CA LYS A 319 -2.55 17.83 6.66
C LYS A 319 -1.32 16.96 6.36
N GLY A 320 -1.19 16.53 5.10
CA GLY A 320 -0.05 15.70 4.72
C GLY A 320 -0.19 14.21 4.95
N TYR A 321 -1.34 13.75 5.43
CA TYR A 321 -1.55 12.33 5.72
C TYR A 321 -2.22 11.65 4.54
N ARG A 322 -1.63 10.53 4.12
CA ARG A 322 -1.88 10.04 2.78
C ARG A 322 -2.43 8.62 2.75
N SER A 323 -3.12 8.32 1.66
CA SER A 323 -3.81 7.04 1.49
C SER A 323 -3.55 6.51 0.10
N PRO A 324 -3.52 5.17 -0.06
CA PRO A 324 -3.26 4.65 -1.39
C PRO A 324 -4.49 4.67 -2.29
N HIS A 325 -4.26 4.94 -3.56
CA HIS A 325 -5.27 4.88 -4.61
C HIS A 325 -4.68 4.08 -5.75
N ILE A 326 -5.52 3.44 -6.53
CA ILE A 326 -5.08 2.89 -7.81
C ILE A 326 -6.03 3.34 -8.90
N ASN A 327 -5.45 3.70 -10.03
CA ASN A 327 -6.22 3.84 -11.24
C ASN A 327 -5.50 3.16 -12.40
N LYS A 328 -6.23 2.88 -13.46
CA LYS A 328 -5.63 2.38 -14.68
C LYS A 328 -4.68 3.39 -15.30
N LEU A 329 -3.63 2.88 -15.92
CA LEU A 329 -2.71 3.72 -16.63
C LEU A 329 -2.71 3.17 -18.05
N VAL A 330 -2.73 4.08 -19.02
CA VAL A 330 -2.91 3.70 -20.41
C VAL A 330 -1.72 4.18 -21.22
N HIS A 331 -1.06 3.22 -21.87
CA HIS A 331 -0.02 3.51 -22.83
C HIS A 331 -0.66 3.63 -24.22
N ASN A 332 -0.23 4.66 -24.95
CA ASN A 332 -0.74 4.87 -26.30
C ASN A 332 0.05 4.02 -27.27
N ALA A 333 -0.45 3.94 -28.50
CA ALA A 333 0.24 3.23 -29.57
C ALA A 333 1.66 3.73 -29.76
N ASP A 334 1.88 5.03 -29.59
CA ASP A 334 3.23 5.59 -29.75
C ASP A 334 4.10 5.41 -28.50
N GLY A 335 3.56 4.74 -27.48
CA GLY A 335 4.33 4.53 -26.24
C GLY A 335 4.23 5.63 -25.19
N SER A 336 3.61 6.76 -25.55
CA SER A 336 3.33 7.83 -24.60
C SER A 336 2.23 7.37 -23.63
N ILE A 337 2.09 8.08 -22.52
CA ILE A 337 1.16 7.65 -21.49
C ILE A 337 0.09 8.73 -21.35
N GLN A 338 -1.16 8.31 -21.34
CA GLN A 338 -2.27 9.23 -21.12
C GLN A 338 -2.32 9.71 -19.67
N GLU A 339 -2.87 10.91 -19.50
CA GLU A 339 -3.11 11.44 -18.17
C GLU A 339 -3.99 10.43 -17.45
N VAL A 340 -3.54 10.03 -16.26
CA VAL A 340 -4.29 9.08 -15.45
C VAL A 340 -5.47 9.85 -14.90
N ALA A 341 -6.66 9.25 -15.04
CA ALA A 341 -7.88 9.86 -14.55
C ALA A 341 -8.04 9.41 -13.10
N ALA A 342 -7.30 10.08 -12.21
CA ALA A 342 -7.36 9.79 -10.79
C ALA A 342 -8.74 10.14 -10.26
N ASN A 343 -9.33 9.26 -9.47
CA ASN A 343 -10.68 9.51 -8.98
C ASN A 343 -10.95 8.65 -7.76
N TYR A 344 -12.19 8.67 -7.32
CA TYR A 344 -12.61 7.83 -6.21
C TYR A 344 -13.10 6.47 -6.66
N ALA A 345 -13.78 6.41 -7.81
CA ALA A 345 -14.34 5.14 -8.30
C ALA A 345 -13.28 4.05 -8.38
N GLY A 346 -12.11 4.41 -8.89
CA GLY A 346 -10.98 3.50 -8.94
C GLY A 346 -11.23 2.35 -9.90
N VAL A 347 -10.66 1.20 -9.56
CA VAL A 347 -10.69 0.04 -10.43
C VAL A 347 -11.84 -0.91 -10.05
N THR A 348 -12.65 -1.28 -11.04
CA THR A 348 -13.71 -2.25 -10.87
C THR A 348 -13.14 -3.63 -10.53
N GLN A 349 -13.78 -4.33 -9.59
CA GLN A 349 -13.35 -5.64 -9.12
C GLN A 349 -13.09 -6.57 -10.30
N ILE A 350 -11.95 -7.22 -10.31
CA ILE A 350 -11.61 -7.95 -11.54
C ILE A 350 -11.95 -9.44 -11.45
N SER A 351 -12.09 -9.98 -10.23
CA SER A 351 -12.56 -11.36 -10.07
C SER A 351 -13.32 -11.54 -8.77
N ASN A 352 -14.16 -12.57 -8.72
CA ASN A 352 -14.92 -12.85 -7.51
C ASN A 352 -14.07 -13.42 -6.38
N LEU A 353 -14.57 -13.31 -5.18
CA LEU A 353 -13.98 -13.91 -4.02
C LEU A 353 -14.69 -15.22 -3.74
N ASN A 354 -13.92 -16.25 -3.42
CA ASN A 354 -14.46 -17.56 -3.03
C ASN A 354 -14.65 -17.62 -1.51
N PRO A 355 -15.91 -17.62 -1.06
CA PRO A 355 -16.20 -17.56 0.38
C PRO A 355 -16.13 -18.93 1.11
N TYR A 356 -15.76 -19.97 0.37
CA TYR A 356 -15.68 -21.32 0.90
C TYR A 356 -14.29 -21.70 1.32
N ASN A 357 -13.33 -20.83 1.04
CA ASN A 357 -12.00 -21.00 1.60
C ASN A 357 -12.02 -20.23 2.88
N ARG A 358 -11.03 -20.46 3.74
CA ARG A 358 -10.80 -19.56 4.83
C ARG A 358 -10.48 -18.18 4.23
N VAL A 359 -11.21 -17.17 4.69
CA VAL A 359 -10.97 -15.79 4.27
C VAL A 359 -10.69 -15.03 5.55
N GLU A 360 -9.58 -14.31 5.58
CA GLU A 360 -9.25 -13.50 6.74
C GLU A 360 -10.36 -12.45 6.92
N ALA A 361 -10.76 -12.19 8.16
CA ALA A 361 -11.70 -11.12 8.43
C ALA A 361 -11.14 -9.77 7.92
N GLU A 362 -9.82 -9.62 8.02
CA GLU A 362 -9.10 -8.41 7.60
C GLU A 362 -8.89 -8.37 6.10
N THR A 363 -9.60 -9.25 5.39
CA THR A 363 -9.75 -9.18 3.94
C THR A 363 -11.13 -8.57 3.67
N PHE A 364 -11.16 -7.27 3.36
CA PHE A 364 -12.45 -6.61 3.08
C PHE A 364 -12.28 -5.52 2.05
N ALA A 365 -13.39 -5.13 1.44
CA ALA A 365 -13.43 -4.07 0.44
C ALA A 365 -13.84 -2.72 1.03
N TRP A 366 -14.75 -2.75 2.00
CA TRP A 366 -15.29 -1.54 2.61
C TRP A 366 -15.49 -1.83 4.05
N ASN A 367 -15.50 -0.77 4.85
CA ASN A 367 -15.73 -0.94 6.28
C ASN A 367 -16.26 0.36 6.88
N GLY A 368 -16.99 0.22 7.96
CA GLY A 368 -17.35 1.37 8.73
C GLY A 368 -17.64 0.95 10.14
N ARG A 369 -16.79 1.31 11.10
CA ARG A 369 -15.43 1.83 10.90
C ARG A 369 -14.67 1.00 11.90
N ILE A 370 -13.73 0.20 11.44
CA ILE A 370 -13.04 -0.73 12.32
C ILE A 370 -11.55 -0.53 12.19
N LEU A 371 -10.79 -1.33 12.92
CA LEU A 371 -9.36 -1.31 12.81
C LEU A 371 -8.91 -2.74 12.59
N THR A 372 -7.69 -2.89 12.09
CA THR A 372 -7.03 -4.20 12.02
C THR A 372 -5.72 -4.11 12.82
N GLU A 373 -5.33 -5.21 13.45
CA GLU A 373 -4.09 -5.32 14.26
C GLU A 373 -3.65 -6.77 14.03
N LYS A 374 -2.37 -7.12 14.09
CA LYS A 374 -1.83 -8.21 14.89
C LYS A 374 -2.69 -9.06 15.80
N SER A 375 -2.91 -10.31 15.37
CA SER A 375 -3.78 -11.21 16.10
C SER A 375 -3.09 -12.25 16.98
N THR A 376 -3.70 -12.58 18.11
CA THR A 376 -3.23 -13.69 18.95
C THR A 376 -3.80 -15.06 18.51
N ALA A 377 -4.62 -15.08 17.47
CA ALA A 377 -5.31 -16.32 17.11
C ALA A 377 -4.27 -17.37 16.76
N PRO A 378 -4.42 -18.60 17.32
CA PRO A 378 -3.54 -19.70 16.90
C PRO A 378 -3.61 -19.94 15.40
N GLY A 379 -2.48 -20.34 14.83
CA GLY A 379 -2.39 -20.65 13.40
C GLY A 379 -2.54 -19.38 12.58
N GLY A 380 -3.05 -19.53 11.36
CA GLY A 380 -3.25 -18.40 10.48
C GLY A 380 -2.01 -18.10 9.63
N PRO A 381 -2.14 -17.15 8.69
CA PRO A 381 -1.07 -16.82 7.79
C PRO A 381 0.00 -16.02 8.50
N VAL A 382 1.11 -15.76 7.80
CA VAL A 382 2.18 -14.94 8.31
C VAL A 382 1.62 -13.56 8.72
N ASN A 383 2.00 -13.11 9.93
CA ASN A 383 1.58 -11.83 10.46
C ASN A 383 0.05 -11.72 10.51
N ASN A 384 -0.59 -12.86 10.80
CA ASN A 384 -2.03 -12.89 10.90
C ASN A 384 -2.61 -11.69 11.69
N GLN A 385 -3.59 -11.03 11.09
CA GLN A 385 -4.25 -9.91 11.70
C GLN A 385 -5.65 -10.34 12.14
N HIS A 386 -6.33 -9.46 12.86
CA HIS A 386 -7.76 -9.62 13.00
C HIS A 386 -8.42 -8.24 12.90
N VAL A 387 -9.73 -8.24 12.73
CA VAL A 387 -10.52 -7.03 12.78
C VAL A 387 -10.86 -6.76 14.23
N THR A 388 -10.63 -5.52 14.65
CA THR A 388 -10.86 -5.14 16.01
C THR A 388 -11.50 -3.74 16.03
N SER A 389 -11.61 -3.16 17.21
CA SER A 389 -12.31 -1.87 17.39
C SER A 389 -13.68 -1.99 16.76
N ILE A 390 -14.34 -3.11 17.08
CA ILE A 390 -15.67 -3.43 16.59
C ILE A 390 -16.67 -2.92 17.65
N GLN A 391 -17.49 -1.96 17.26
CA GLN A 391 -18.55 -1.50 18.14
C GLN A 391 -19.86 -1.80 17.47
N ASN A 392 -20.94 -1.72 18.23
CA ASN A 392 -22.24 -1.95 17.71
C ASN A 392 -22.53 -1.08 16.48
N GLY A 393 -22.96 -1.72 15.41
CA GLY A 393 -23.27 -0.98 14.21
C GLY A 393 -22.12 -0.83 13.26
N ASP A 394 -20.92 -1.26 13.67
CA ASP A 394 -19.80 -1.38 12.74
C ASP A 394 -20.02 -2.53 11.77
N TRP A 395 -19.33 -2.51 10.64
CA TRP A 395 -19.44 -3.59 9.69
C TRP A 395 -18.18 -3.64 8.82
N ILE A 396 -17.98 -4.78 8.18
CA ILE A 396 -17.03 -4.86 7.06
C ILE A 396 -17.75 -5.54 5.91
N ALA A 397 -17.27 -5.32 4.70
CA ALA A 397 -17.93 -5.91 3.56
C ALA A 397 -16.87 -6.39 2.60
N VAL A 398 -17.14 -7.51 1.92
CA VAL A 398 -16.32 -7.95 0.78
C VAL A 398 -17.11 -7.71 -0.48
N GLY A 399 -16.40 -7.44 -1.57
CA GLY A 399 -17.02 -7.30 -2.88
C GLY A 399 -17.13 -8.65 -3.56
N ASN A 400 -18.25 -8.84 -4.24
CA ASN A 400 -18.46 -9.98 -5.13
C ASN A 400 -17.95 -11.33 -4.62
N ALA A 401 -18.47 -11.76 -3.48
CA ALA A 401 -18.28 -13.15 -3.07
C ALA A 401 -19.19 -14.03 -3.93
N ASP A 402 -18.64 -15.12 -4.43
CA ASP A 402 -19.42 -16.01 -5.27
C ASP A 402 -19.81 -17.26 -4.52
N PHE A 403 -21.04 -17.28 -4.05
CA PHE A 403 -21.54 -18.43 -3.32
C PHE A 403 -21.89 -19.62 -4.21
N GLY A 404 -21.92 -19.38 -5.51
CA GLY A 404 -22.21 -20.40 -6.49
C GLY A 404 -23.70 -20.71 -6.54
N ALA A 405 -24.08 -21.58 -7.47
CA ALA A 405 -25.51 -21.92 -7.67
C ALA A 405 -26.09 -22.64 -6.47
N GLY A 406 -25.30 -23.53 -5.87
CA GLY A 406 -25.73 -24.29 -4.70
C GLY A 406 -25.81 -23.50 -3.41
N GLY A 407 -24.90 -22.53 -3.23
CA GLY A 407 -25.01 -21.62 -2.11
C GLY A 407 -24.39 -22.17 -0.86
N ALA A 408 -24.46 -21.40 0.22
CA ALA A 408 -23.78 -21.77 1.44
C ALA A 408 -24.74 -22.47 2.41
N ARG A 409 -24.17 -23.37 3.20
CA ARG A 409 -24.88 -24.12 4.20
C ARG A 409 -24.62 -23.52 5.58
N SER A 410 -23.38 -23.12 5.83
CA SER A 410 -23.05 -22.59 7.13
C SER A 410 -21.95 -21.54 7.01
N PHE A 411 -21.73 -20.82 8.10
CA PHE A 411 -20.75 -19.77 8.18
C PHE A 411 -19.99 -20.02 9.45
N LYS A 412 -18.66 -20.03 9.33
CA LYS A 412 -17.79 -20.18 10.48
C LYS A 412 -17.02 -18.86 10.65
N ALA A 413 -16.78 -18.48 11.89
CA ALA A 413 -16.04 -17.28 12.22
C ALA A 413 -15.12 -17.63 13.37
N ASN A 414 -13.85 -17.25 13.25
CA ASN A 414 -12.94 -17.41 14.37
C ASN A 414 -12.91 -16.10 15.12
N VAL A 415 -13.33 -16.16 16.38
CA VAL A 415 -13.65 -14.96 17.14
C VAL A 415 -13.11 -15.12 18.55
N ALA A 416 -12.85 -13.99 19.20
CA ALA A 416 -12.46 -13.96 20.59
C ALA A 416 -13.21 -12.80 21.21
N SER A 417 -13.87 -13.09 22.33
CA SER A 417 -14.78 -12.14 22.92
C SER A 417 -14.86 -12.35 24.42
N THR A 418 -14.87 -11.24 25.15
CA THR A 418 -15.08 -11.27 26.59
C THR A 418 -16.58 -11.40 26.87
N LEU A 419 -17.40 -10.58 26.23
CA LEU A 419 -18.85 -10.54 26.53
C LEU A 419 -19.79 -11.05 25.43
N GLY A 420 -19.25 -11.23 24.23
CA GLY A 420 -20.04 -11.71 23.11
C GLY A 420 -20.68 -10.62 22.27
N GLY A 421 -21.34 -11.04 21.19
CA GLY A 421 -22.01 -10.15 20.28
C GLY A 421 -22.58 -11.00 19.18
N LYS A 422 -22.87 -10.37 18.03
CA LYS A 422 -23.36 -11.06 16.86
C LYS A 422 -22.65 -10.59 15.61
N ILE A 423 -22.52 -11.51 14.66
CA ILE A 423 -22.15 -11.17 13.30
C ILE A 423 -23.33 -11.51 12.43
N GLU A 424 -23.96 -10.46 11.91
CA GLU A 424 -25.02 -10.63 10.94
C GLU A 424 -24.36 -10.74 9.59
N VAL A 425 -24.75 -11.75 8.82
CA VAL A 425 -24.25 -11.92 7.49
C VAL A 425 -25.32 -11.44 6.54
N ARG A 426 -25.03 -10.35 5.85
CA ARG A 426 -26.00 -9.72 4.96
C ARG A 426 -25.44 -9.56 3.55
N LEU A 427 -26.34 -9.69 2.58
CA LEU A 427 -25.94 -9.54 1.20
C LEU A 427 -26.15 -8.12 0.73
N ASP A 428 -25.31 -7.70 -0.21
CA ASP A 428 -25.49 -6.50 -1.04
C ASP A 428 -25.31 -5.13 -0.38
N SER A 429 -25.78 -5.00 0.86
CA SER A 429 -25.69 -3.73 1.62
C SER A 429 -25.68 -4.02 3.10
N ALA A 430 -25.30 -3.02 3.86
CA ALA A 430 -25.19 -3.14 5.31
C ALA A 430 -26.56 -3.40 5.95
N ASP A 431 -27.61 -3.06 5.23
CA ASP A 431 -28.98 -3.36 5.65
C ASP A 431 -29.64 -4.41 4.75
N GLY A 432 -28.83 -5.20 4.04
CA GLY A 432 -29.35 -6.11 3.03
C GLY A 432 -29.81 -7.44 3.58
N LYS A 433 -30.07 -8.38 2.69
CA LYS A 433 -30.68 -9.66 3.06
C LYS A 433 -29.85 -10.37 4.11
N LEU A 434 -30.47 -10.64 5.26
CA LEU A 434 -29.81 -11.38 6.32
C LEU A 434 -29.78 -12.89 6.00
N VAL A 435 -28.59 -13.45 5.76
CA VAL A 435 -28.50 -14.88 5.42
C VAL A 435 -28.12 -15.73 6.63
N GLY A 436 -27.73 -15.09 7.71
CA GLY A 436 -27.31 -15.82 8.87
C GLY A 436 -26.90 -14.86 9.95
N THR A 437 -26.91 -15.34 11.18
CA THR A 437 -26.46 -14.57 12.31
C THR A 437 -25.62 -15.50 13.19
N LEU A 438 -24.36 -15.14 13.32
CA LEU A 438 -23.44 -15.89 14.14
C LEU A 438 -23.43 -15.27 15.52
N ASN A 439 -23.80 -16.09 16.52
CA ASN A 439 -23.67 -15.66 17.90
C ASN A 439 -22.27 -15.90 18.38
N VAL A 440 -21.60 -14.80 18.67
CA VAL A 440 -20.28 -14.81 19.26
C VAL A 440 -20.44 -14.97 20.77
N PRO A 441 -20.03 -16.12 21.33
CA PRO A 441 -20.18 -16.24 22.79
C PRO A 441 -19.03 -15.54 23.49
N SER A 442 -19.10 -15.44 24.82
CA SER A 442 -17.89 -15.23 25.62
C SER A 442 -17.01 -16.43 25.38
N THR A 443 -15.77 -16.16 24.98
CA THR A 443 -14.83 -17.23 24.69
C THR A 443 -13.88 -17.37 25.87
N GLY A 444 -13.96 -16.42 26.78
CA GLY A 444 -13.05 -16.37 27.90
C GLY A 444 -12.14 -15.17 27.81
N GLY A 445 -12.17 -14.48 26.67
CA GLY A 445 -11.36 -13.27 26.51
C GLY A 445 -11.03 -12.91 25.08
N ALA A 446 -10.45 -11.72 24.91
CA ALA A 446 -10.08 -11.17 23.59
C ALA A 446 -8.94 -11.93 22.90
N GLN A 447 -8.30 -12.84 23.63
CA GLN A 447 -7.20 -13.65 23.09
C GLN A 447 -7.50 -15.14 23.18
N THR A 448 -8.75 -15.47 23.47
CA THR A 448 -9.19 -16.85 23.52
C THR A 448 -10.15 -17.11 22.36
N TRP A 449 -9.70 -17.95 21.45
CA TRP A 449 -10.28 -18.04 20.14
C TRP A 449 -11.15 -19.28 20.01
N ARG A 450 -12.34 -19.07 19.46
CA ARG A 450 -13.19 -20.18 19.12
C ARG A 450 -13.68 -20.02 17.71
N GLU A 451 -13.66 -21.12 16.97
CA GLU A 451 -14.32 -21.15 15.69
C GLU A 451 -15.78 -21.54 15.93
N ILE A 452 -16.67 -20.62 15.61
CA ILE A 452 -18.10 -20.80 15.80
C ILE A 452 -18.71 -21.05 14.44
N GLU A 453 -19.67 -21.96 14.39
CA GLU A 453 -20.41 -22.23 13.17
C GLU A 453 -21.88 -21.87 13.35
N THR A 454 -22.49 -21.36 12.28
CA THR A 454 -23.89 -21.08 12.30
C THR A 454 -24.46 -21.36 10.93
N ALA A 455 -25.78 -21.53 10.87
CA ALA A 455 -26.48 -21.81 9.61
C ALA A 455 -26.52 -20.59 8.73
N VAL A 456 -26.48 -20.83 7.42
CA VAL A 456 -26.71 -19.80 6.42
C VAL A 456 -27.78 -20.34 5.50
N SER A 457 -28.67 -19.48 5.05
CA SER A 457 -29.58 -19.86 3.97
C SER A 457 -29.88 -18.63 3.14
N GLY A 458 -30.10 -18.82 1.85
CA GLY A 458 -30.35 -17.70 0.94
C GLY A 458 -29.11 -17.08 0.32
N ALA A 459 -27.95 -17.71 0.53
CA ALA A 459 -26.70 -17.15 0.04
C ALA A 459 -26.25 -17.91 -1.20
N THR A 460 -26.67 -17.44 -2.38
CA THR A 460 -26.33 -18.07 -3.65
C THR A 460 -25.88 -16.96 -4.58
N GLY A 461 -25.04 -17.29 -5.55
CA GLY A 461 -24.68 -16.30 -6.56
C GLY A 461 -23.67 -15.29 -6.02
N VAL A 462 -23.48 -14.23 -6.76
CA VAL A 462 -22.45 -13.25 -6.48
C VAL A 462 -23.08 -12.06 -5.78
N HIS A 463 -22.52 -11.70 -4.63
CA HIS A 463 -22.99 -10.56 -3.87
C HIS A 463 -21.81 -9.93 -3.14
N LYS A 464 -21.91 -8.61 -2.90
CA LYS A 464 -21.20 -8.01 -1.77
C LYS A 464 -21.72 -8.69 -0.51
N VAL A 465 -20.83 -8.94 0.44
CA VAL A 465 -21.26 -9.58 1.68
C VAL A 465 -20.87 -8.64 2.80
N PHE A 466 -21.82 -8.32 3.66
CA PHE A 466 -21.59 -7.43 4.78
C PHE A 466 -21.65 -8.25 6.03
N PHE A 467 -20.67 -8.06 6.88
CA PHE A 467 -20.64 -8.64 8.22
C PHE A 467 -20.85 -7.49 9.18
N VAL A 468 -22.02 -7.48 9.80
CA VAL A 468 -22.49 -6.33 10.58
C VAL A 468 -22.42 -6.77 12.02
N PHE A 469 -21.77 -5.96 12.82
CA PHE A 469 -21.42 -6.32 14.13
C PHE A 469 -22.39 -5.66 15.10
N THR A 470 -22.94 -6.47 16.00
CA THR A 470 -23.89 -5.98 16.98
C THR A 470 -23.57 -6.57 18.32
N GLY A 471 -24.05 -5.90 19.35
CA GLY A 471 -23.73 -6.26 20.71
C GLY A 471 -24.17 -5.12 21.61
N THR A 472 -24.10 -5.35 22.91
CA THR A 472 -24.54 -4.34 23.85
C THR A 472 -23.37 -3.73 24.63
N GLY A 473 -23.49 -2.41 24.85
CA GLY A 473 -22.46 -1.60 25.51
C GLY A 473 -21.09 -1.76 24.87
N THR A 474 -20.04 -1.67 25.70
CA THR A 474 -18.62 -1.75 25.28
C THR A 474 -18.28 -0.60 24.27
N GLY A 475 -17.00 -0.34 23.99
CA GLY A 475 -15.90 -1.25 24.27
C GLY A 475 -15.69 -1.99 22.96
N ASN A 476 -14.88 -3.04 23.00
CA ASN A 476 -14.66 -3.85 21.82
C ASN A 476 -15.51 -5.09 21.98
N LEU A 477 -16.44 -5.30 21.06
CA LEU A 477 -17.38 -6.42 21.16
C LEU A 477 -16.65 -7.75 21.03
N PHE A 478 -15.78 -7.83 20.04
CA PHE A 478 -15.03 -9.05 19.80
C PHE A 478 -13.99 -8.78 18.75
N ASN A 479 -13.06 -9.72 18.60
CA ASN A 479 -12.16 -9.65 17.50
C ASN A 479 -12.34 -10.90 16.69
N PHE A 480 -11.93 -10.89 15.43
CA PHE A 480 -12.67 -11.34 14.30
C PHE A 480 -11.46 -11.62 13.41
N ASP A 481 -11.06 -12.89 13.39
CA ASP A 481 -9.80 -13.34 12.76
C ASP A 481 -10.00 -13.84 11.32
N TYR A 482 -10.95 -14.74 11.12
CA TYR A 482 -11.19 -15.28 9.80
C TYR A 482 -12.60 -15.83 9.81
N TRP A 483 -13.08 -16.08 8.61
CA TRP A 483 -14.36 -16.70 8.42
C TRP A 483 -14.25 -17.63 7.23
N GLN A 484 -15.24 -18.52 7.13
CA GLN A 484 -15.31 -19.48 6.04
C GLN A 484 -16.76 -19.92 5.97
N PHE A 485 -17.33 -19.89 4.78
CA PHE A 485 -18.60 -20.56 4.54
C PHE A 485 -18.38 -22.01 4.13
N THR A 486 -19.39 -22.86 4.37
CA THR A 486 -19.40 -24.22 3.84
C THR A 486 -20.49 -24.31 2.78
N GLN A 487 -20.34 -25.21 1.83
CA GLN A 487 -21.33 -25.45 0.75
C GLN A 487 -22.24 -26.55 1.29
N ARG A 488 -23.56 -26.59 1.05
CA ARG A 488 -24.33 -26.04 -0.04
C ARG A 488 -25.81 -25.99 0.42
O1 XYP B . -0.89 23.38 -4.08
C1 XYP B . 0.30 23.49 -3.31
C2 XYP B . 0.24 22.36 -2.29
C3 XYP B . 1.54 22.27 -1.55
C4 XYP B . 2.68 22.10 -2.54
C5 XYP B . 2.70 23.22 -3.59
O2 XYP B . -0.78 22.63 -1.33
O3 XYP B . 1.50 21.16 -0.64
O4 XYP B . 3.86 22.18 -1.76
O5 XYP B . 1.41 23.30 -4.20
C1 XYP B . 4.88 21.00 -1.87
C2 XYP B . 6.20 21.54 -1.35
C3 XYP B . 7.19 20.40 -1.37
C4 XYP B . 6.60 19.15 -0.69
C5 XYP B . 5.30 18.70 -1.32
O2 XYP B . 6.67 22.55 -2.22
O3 XYP B . 8.38 20.79 -0.72
O4 XYP B . 7.53 18.09 -0.89
O5 XYP B . 4.42 19.81 -1.19
C1 XYP B . 8.13 17.37 0.35
C2 XYP B . 8.82 16.08 -0.04
C3 XYP B . 9.53 15.64 1.23
C4 XYP B . 10.41 16.77 1.75
C5 XYP B . 9.74 18.15 1.86
O2 XYP B . 7.85 15.12 -0.48
O3 XYP B . 10.38 14.51 0.95
O4 XYP B . 10.87 16.35 3.05
O5 XYP B . 9.09 18.41 0.62
C1 XYP B . 12.50 16.17 2.99
C2 XYP B . 12.73 16.25 4.49
C3 XYP B . 14.20 15.92 4.67
C4 XYP B . 14.45 14.54 4.10
C5 XYP B . 13.90 14.35 2.69
O2 XYP B . 12.40 17.58 4.91
O3 XYP B . 14.40 15.90 6.07
O4 XYP B . 15.86 14.37 4.01
O5 XYP B . 12.53 14.79 2.65
CA CA C . -6.86 -13.11 10.37
NA NA D . -15.37 0.77 15.37
NA NA E . 8.12 4.50 -4.16
C1 GOL F . 8.92 9.98 1.06
O1 GOL F . 9.64 10.63 -0.01
C2 GOL F . 8.58 11.07 2.10
O2 GOL F . 7.80 12.10 1.46
C3 GOL F . 7.85 10.46 3.30
O3 GOL F . 6.51 10.15 2.91
#